data_3KUP
#
_entry.id   3KUP
#
_cell.length_a   44.063
_cell.length_b   75.936
_cell.length_c   85.944
_cell.angle_alpha   90.000
_cell.angle_beta   90.000
_cell.angle_gamma   90.000
#
_symmetry.space_group_name_H-M   'P 21 21 21'
#
loop_
_entity.id
_entity.type
_entity.pdbx_description
1 polymer 'Chromobox protein homolog 3'
2 non-polymer 'UNKNOWN ATOM OR ION'
3 water water
#
_entity_poly.entity_id   1
_entity_poly.type   'polypeptide(L)'
_entity_poly.pdbx_seq_one_letter_code
;GAADKPRGFARGLDPERIIGATDSSGELMFLMKWKDSDEADLVLAKEANMKCPQIVIAFYEERLT
;
_entity_poly.pdbx_strand_id   A,B,C,D
#
# COMPACT_ATOMS: atom_id res chain seq x y z
N PRO A 6 36.32 -0.92 -2.88
CA PRO A 6 35.07 -1.46 -2.35
C PRO A 6 34.03 -1.64 -3.45
N ARG A 7 33.59 -2.88 -3.66
CA ARG A 7 32.47 -3.18 -4.53
C ARG A 7 31.44 -3.90 -3.67
N GLY A 8 30.22 -3.98 -4.18
CA GLY A 8 29.18 -4.68 -3.50
C GLY A 8 28.64 -3.94 -2.30
N PHE A 9 28.14 -4.70 -1.34
CA PHE A 9 27.63 -4.08 -0.12
C PHE A 9 28.69 -3.36 0.69
N ALA A 10 29.93 -3.78 0.49
CA ALA A 10 31.06 -3.15 1.16
C ALA A 10 31.33 -1.71 0.67
N ARG A 11 30.72 -1.31 -0.44
CA ARG A 11 30.74 0.11 -0.87
C ARG A 11 30.05 1.02 0.15
N GLY A 12 29.15 0.46 0.95
CA GLY A 12 28.38 1.24 1.90
C GLY A 12 27.36 2.16 1.25
N LEU A 13 26.89 1.80 0.05
CA LEU A 13 25.83 2.54 -0.63
C LEU A 13 24.47 1.83 -0.48
N ASP A 14 23.38 2.62 -0.45
CA ASP A 14 22.04 2.03 -0.39
C ASP A 14 21.67 1.40 -1.74
N PRO A 15 21.07 0.21 -1.71
CA PRO A 15 20.64 -0.37 -2.99
C PRO A 15 19.48 0.40 -3.57
N GLU A 16 19.48 0.54 -4.89
CA GLU A 16 18.39 1.16 -5.58
C GLU A 16 17.46 0.11 -6.21
N ARG A 17 18.03 -0.78 -7.03
CA ARG A 17 17.25 -1.78 -7.72
C ARG A 17 18.14 -2.82 -8.31
N ILE A 18 17.62 -4.02 -8.36
CA ILE A 18 18.21 -5.12 -9.07
C ILE A 18 17.85 -4.99 -10.56
N ILE A 19 18.89 -4.88 -11.35
CA ILE A 19 18.84 -4.72 -12.81
C ILE A 19 18.51 -6.06 -13.46
N GLY A 20 19.07 -7.15 -12.92
CA GLY A 20 18.84 -8.47 -13.46
C GLY A 20 19.43 -9.57 -12.58
N ALA A 21 19.19 -10.80 -12.97
CA ALA A 21 19.61 -11.94 -12.19
C ALA A 21 20.14 -13.01 -13.10
N THR A 22 21.02 -13.84 -12.54
CA THR A 22 21.59 -14.97 -13.28
C THR A 22 22.11 -16.02 -12.29
N ASP A 23 22.17 -17.27 -12.73
CA ASP A 23 22.90 -18.24 -11.93
C ASP A 23 24.05 -18.89 -12.71
N SER A 24 24.54 -18.19 -13.74
CA SER A 24 25.66 -18.69 -14.55
C SER A 24 26.96 -18.91 -13.72
N SER A 25 27.06 -18.25 -12.55
CA SER A 25 28.17 -18.49 -11.60
C SER A 25 28.15 -19.85 -10.87
N GLY A 26 26.99 -20.49 -10.80
CA GLY A 26 26.78 -21.67 -9.92
C GLY A 26 25.78 -21.42 -8.81
N GLU A 27 25.65 -20.15 -8.40
CA GLU A 27 24.68 -19.69 -7.40
C GLU A 27 23.85 -18.55 -8.00
N LEU A 28 22.68 -18.30 -7.44
CA LEU A 28 21.85 -17.14 -7.90
C LEU A 28 22.55 -15.85 -7.50
N MET A 29 22.72 -14.98 -8.48
CA MET A 29 23.31 -13.67 -8.28
C MET A 29 22.43 -12.57 -8.89
N PHE A 30 22.49 -11.42 -8.28
CA PHE A 30 21.88 -10.19 -8.73
C PHE A 30 22.89 -9.17 -9.21
N LEU A 31 22.54 -8.53 -10.31
CA LEU A 31 23.25 -7.37 -10.78
C LEU A 31 22.57 -6.13 -10.12
N MET A 32 23.27 -5.50 -9.19
CA MET A 32 22.68 -4.52 -8.29
C MET A 32 23.11 -3.11 -8.68
N LYS A 33 22.10 -2.24 -8.88
CA LYS A 33 22.29 -0.78 -9.00
C LYS A 33 22.20 -0.14 -7.64
N TRP A 34 23.23 0.61 -7.26
CA TRP A 34 23.24 1.38 -6.01
C TRP A 34 22.74 2.78 -6.32
N LYS A 35 22.09 3.39 -5.34
N LYS A 35 22.12 3.43 -5.33
CA LYS A 35 21.82 4.82 -5.40
CA LYS A 35 21.49 4.74 -5.52
C LYS A 35 23.17 5.50 -5.25
C LYS A 35 22.44 5.81 -6.08
N ASP A 36 23.39 6.57 -5.98
N ASP A 36 23.62 5.91 -5.47
CA ASP A 36 24.63 7.29 -5.84
CA ASP A 36 24.56 7.00 -5.72
C ASP A 36 25.77 6.63 -6.65
C ASP A 36 25.74 6.58 -6.61
N SER A 37 25.46 5.70 -7.55
CA SER A 37 26.47 5.21 -8.49
C SER A 37 25.80 4.78 -9.76
N ASP A 38 26.48 5.00 -10.90
CA ASP A 38 26.06 4.40 -12.19
C ASP A 38 26.69 3.01 -12.41
N GLU A 39 27.50 2.55 -11.46
CA GLU A 39 28.26 1.28 -11.56
C GLU A 39 27.56 0.15 -10.85
N ALA A 40 27.18 -0.89 -11.59
CA ALA A 40 26.44 -2.02 -11.01
C ALA A 40 27.40 -3.12 -10.60
N ASP A 41 27.06 -3.83 -9.53
CA ASP A 41 27.88 -4.89 -8.99
C ASP A 41 27.09 -6.19 -8.89
N LEU A 42 27.77 -7.30 -9.10
CA LEU A 42 27.18 -8.60 -8.85
C LEU A 42 27.29 -8.92 -7.34
N VAL A 43 26.14 -9.29 -6.79
CA VAL A 43 26.03 -9.73 -5.38
C VAL A 43 25.28 -11.06 -5.35
N LEU A 44 25.63 -11.89 -4.37
CA LEU A 44 24.93 -13.15 -4.19
C LEU A 44 23.54 -12.89 -3.68
N ALA A 45 22.58 -13.62 -4.26
CA ALA A 45 21.18 -13.48 -3.85
C ALA A 45 21.05 -13.68 -2.35
N LYS A 46 21.79 -14.64 -1.81
CA LYS A 46 21.75 -14.88 -0.36
C LYS A 46 22.10 -13.67 0.52
N GLU A 47 23.08 -12.89 0.07
CA GLU A 47 23.46 -11.64 0.72
C GLU A 47 22.37 -10.56 0.63
N ALA A 48 21.88 -10.35 -0.59
CA ALA A 48 20.84 -9.37 -0.87
C ALA A 48 19.57 -9.71 -0.10
N ASN A 49 19.19 -10.99 -0.09
CA ASN A 49 17.98 -11.41 0.64
C ASN A 49 18.00 -10.89 2.06
N MET A 50 19.16 -10.95 2.70
CA MET A 50 19.27 -10.57 4.10
C MET A 50 19.45 -9.09 4.28
N LYS A 51 20.18 -8.43 3.39
CA LYS A 51 20.56 -7.02 3.58
C LYS A 51 19.56 -6.06 2.95
N CYS A 52 18.88 -6.50 1.91
CA CYS A 52 17.87 -5.62 1.24
C CYS A 52 16.65 -6.37 0.74
N PRO A 53 15.89 -7.00 1.66
CA PRO A 53 14.85 -7.90 1.22
C PRO A 53 13.78 -7.19 0.37
N GLN A 54 13.53 -5.89 0.60
CA GLN A 54 12.46 -5.23 -0.18
C GLN A 54 12.85 -4.98 -1.62
N ILE A 55 14.14 -4.75 -1.84
CA ILE A 55 14.70 -4.59 -3.17
C ILE A 55 14.63 -5.89 -3.91
N VAL A 56 14.92 -6.99 -3.21
CA VAL A 56 14.84 -8.32 -3.81
C VAL A 56 13.38 -8.61 -4.20
N ILE A 57 12.48 -8.34 -3.27
CA ILE A 57 11.05 -8.56 -3.52
C ILE A 57 10.52 -7.75 -4.69
N ALA A 58 10.89 -6.47 -4.77
CA ALA A 58 10.46 -5.59 -5.87
C ALA A 58 10.93 -6.10 -7.24
N PHE A 59 12.11 -6.70 -7.30
CA PHE A 59 12.60 -7.33 -8.52
C PHE A 59 11.71 -8.50 -8.97
N TYR A 60 11.43 -9.40 -8.03
CA TYR A 60 10.59 -10.54 -8.30
C TYR A 60 9.18 -10.11 -8.67
N GLU A 61 8.63 -9.11 -7.97
CA GLU A 61 7.29 -8.60 -8.32
C GLU A 61 7.23 -8.02 -9.71
N GLU A 62 8.25 -7.25 -10.09
CA GLU A 62 8.34 -6.70 -11.45
C GLU A 62 8.43 -7.77 -12.53
N ARG A 63 8.98 -8.94 -12.18
CA ARG A 63 9.12 -10.08 -13.11
C ARG A 63 7.81 -10.87 -13.27
N LEU A 64 7.26 -11.33 -12.15
CA LEU A 64 5.98 -12.07 -12.13
C LEU A 64 4.88 -11.27 -11.44
N ASP B 4 -16.51 -17.36 9.69
CA ASP B 4 -15.37 -17.76 10.57
C ASP B 4 -14.25 -16.72 10.43
N LYS B 5 -14.28 -15.77 11.37
CA LYS B 5 -13.21 -14.78 11.56
C LYS B 5 -12.43 -15.22 12.79
N PRO B 6 -11.16 -14.81 12.88
CA PRO B 6 -10.42 -13.95 11.96
C PRO B 6 -9.81 -14.73 10.78
N ARG B 7 -9.32 -14.01 9.78
CA ARG B 7 -8.59 -14.59 8.67
C ARG B 7 -7.29 -13.83 8.46
N GLY B 8 -6.40 -14.47 7.71
CA GLY B 8 -5.08 -13.93 7.42
C GLY B 8 -4.22 -13.67 8.63
N PHE B 9 -3.47 -12.56 8.57
CA PHE B 9 -2.58 -12.23 9.65
C PHE B 9 -3.32 -11.98 10.97
N ALA B 10 -4.60 -11.60 10.87
CA ALA B 10 -5.50 -11.40 12.04
C ALA B 10 -5.70 -12.66 12.92
N ARG B 11 -5.36 -13.85 12.42
CA ARG B 11 -5.45 -15.07 13.25
C ARG B 11 -4.39 -15.10 14.33
N GLY B 12 -3.35 -14.29 14.15
CA GLY B 12 -2.24 -14.26 15.08
C GLY B 12 -1.38 -15.51 15.00
N LEU B 13 -1.43 -16.21 13.87
CA LEU B 13 -0.59 -17.36 13.67
C LEU B 13 0.71 -16.92 13.00
N ASP B 14 1.76 -17.68 13.20
CA ASP B 14 3.01 -17.39 12.50
C ASP B 14 2.88 -17.84 11.05
N PRO B 15 3.33 -17.01 10.09
CA PRO B 15 3.36 -17.49 8.71
C PRO B 15 4.39 -18.63 8.54
N GLU B 16 4.07 -19.64 7.75
CA GLU B 16 4.93 -20.80 7.56
C GLU B 16 5.52 -20.82 6.15
N ARG B 17 4.64 -20.75 5.15
CA ARG B 17 5.05 -20.90 3.76
C ARG B 17 3.98 -20.34 2.83
N ILE B 18 4.41 -19.67 1.77
CA ILE B 18 3.47 -19.28 0.74
C ILE B 18 3.37 -20.42 -0.25
N ILE B 19 2.15 -20.79 -0.58
CA ILE B 19 2.01 -21.99 -1.39
C ILE B 19 1.43 -21.70 -2.76
N GLY B 20 1.15 -20.42 -3.04
CA GLY B 20 0.61 -20.02 -4.35
C GLY B 20 0.42 -18.52 -4.35
N ALA B 21 0.29 -17.96 -5.54
CA ALA B 21 0.05 -16.55 -5.71
C ALA B 21 -1.01 -16.34 -6.79
N THR B 22 -1.85 -15.34 -6.60
CA THR B 22 -2.84 -14.94 -7.61
C THR B 22 -3.03 -13.43 -7.69
N ASP B 23 -3.09 -12.89 -8.91
CA ASP B 23 -3.45 -11.47 -9.12
C ASP B 23 -4.73 -11.28 -9.93
N SER B 24 -5.59 -12.29 -9.92
CA SER B 24 -6.86 -12.28 -10.62
C SER B 24 -7.78 -11.15 -10.14
N SER B 25 -7.62 -10.73 -8.89
CA SER B 25 -8.37 -9.58 -8.37
C SER B 25 -7.83 -8.22 -8.86
N GLY B 26 -6.63 -8.20 -9.45
CA GLY B 26 -5.92 -6.98 -9.81
C GLY B 26 -4.88 -6.52 -8.77
N GLU B 27 -4.87 -7.18 -7.62
CA GLU B 27 -3.87 -6.97 -6.58
C GLU B 27 -3.25 -8.34 -6.37
N LEU B 28 -1.92 -8.37 -6.21
CA LEU B 28 -1.19 -9.63 -5.99
C LEU B 28 -1.50 -10.12 -4.59
N MET B 29 -1.95 -11.38 -4.50
CA MET B 29 -2.21 -12.02 -3.23
C MET B 29 -1.46 -13.34 -3.18
N PHE B 30 -1.02 -13.69 -1.96
CA PHE B 30 -0.39 -14.98 -1.68
C PHE B 30 -1.31 -15.85 -0.83
N LEU B 31 -1.30 -17.16 -1.13
CA LEU B 31 -1.95 -18.14 -0.27
C LEU B 31 -0.99 -18.54 0.83
N MET B 32 -1.24 -18.05 2.02
CA MET B 32 -0.35 -18.22 3.14
C MET B 32 -0.77 -19.39 3.97
N LYS B 33 0.12 -20.37 4.08
CA LYS B 33 -0.01 -21.47 5.07
C LYS B 33 0.52 -21.03 6.43
N TRP B 34 -0.32 -21.19 7.45
CA TRP B 34 -0.03 -20.78 8.80
C TRP B 34 0.52 -21.96 9.62
N LYS B 35 1.52 -21.66 10.43
CA LYS B 35 2.13 -22.62 11.33
C LYS B 35 1.09 -23.09 12.36
N ASP B 36 1.11 -24.41 12.63
CA ASP B 36 0.24 -25.07 13.61
C ASP B 36 -1.20 -24.99 13.22
N SER B 37 -1.45 -24.88 11.93
CA SER B 37 -2.80 -24.79 11.45
C SER B 37 -2.90 -25.50 10.12
N ASP B 38 -4.11 -26.01 9.85
CA ASP B 38 -4.46 -26.55 8.56
C ASP B 38 -5.04 -25.45 7.66
N GLU B 39 -5.13 -24.22 8.20
CA GLU B 39 -5.72 -23.06 7.49
C GLU B 39 -4.67 -22.40 6.58
N ALA B 40 -5.09 -22.06 5.36
CA ALA B 40 -4.29 -21.19 4.47
C ALA B 40 -5.25 -20.17 3.89
N ASP B 41 -4.87 -18.91 3.99
CA ASP B 41 -5.69 -17.78 3.58
C ASP B 41 -4.93 -16.95 2.59
N LEU B 42 -5.67 -16.34 1.67
CA LEU B 42 -5.09 -15.27 0.88
C LEU B 42 -4.78 -14.05 1.73
N VAL B 43 -3.58 -13.51 1.51
CA VAL B 43 -3.13 -12.24 2.09
C VAL B 43 -2.58 -11.35 0.98
N LEU B 44 -2.71 -10.05 1.14
CA LEU B 44 -2.15 -9.13 0.16
C LEU B 44 -0.64 -9.28 0.17
N ALA B 45 -0.05 -9.33 -1.02
CA ALA B 45 1.41 -9.37 -1.14
C ALA B 45 2.08 -8.22 -0.41
N LYS B 46 1.50 -7.02 -0.54
CA LYS B 46 2.03 -5.87 0.18
C LYS B 46 2.14 -6.12 1.68
N GLU B 47 1.14 -6.81 2.25
CA GLU B 47 1.19 -7.12 3.69
C GLU B 47 2.27 -8.16 4.01
N ALA B 48 2.31 -9.26 3.25
CA ALA B 48 3.33 -10.31 3.43
C ALA B 48 4.73 -9.76 3.18
N ASN B 49 4.89 -8.89 2.16
CA ASN B 49 6.24 -8.34 1.92
C ASN B 49 6.82 -7.72 3.17
N MET B 50 6.00 -6.97 3.90
CA MET B 50 6.45 -6.26 5.08
C MET B 50 6.56 -7.12 6.33
N LYS B 51 5.60 -8.02 6.52
CA LYS B 51 5.58 -8.83 7.74
C LYS B 51 6.51 -10.07 7.72
N CYS B 52 6.71 -10.70 6.55
CA CYS B 52 7.53 -11.94 6.45
C CYS B 52 8.28 -11.98 5.13
N PRO B 53 9.18 -10.99 4.93
CA PRO B 53 9.84 -10.89 3.63
C PRO B 53 10.62 -12.15 3.25
N GLN B 54 11.20 -12.86 4.23
CA GLN B 54 12.01 -14.06 3.88
C GLN B 54 11.14 -15.21 3.40
N ILE B 55 9.91 -15.26 3.90
CA ILE B 55 8.90 -16.20 3.39
C ILE B 55 8.46 -15.83 1.98
N VAL B 56 8.25 -14.55 1.72
CA VAL B 56 7.96 -14.11 0.35
C VAL B 56 9.14 -14.47 -0.61
N ILE B 57 10.37 -14.14 -0.20
CA ILE B 57 11.57 -14.43 -1.01
C ILE B 57 11.75 -15.93 -1.28
N ALA B 58 11.56 -16.75 -0.25
CA ALA B 58 11.58 -18.20 -0.39
C ALA B 58 10.61 -18.72 -1.46
N PHE B 59 9.40 -18.20 -1.47
CA PHE B 59 8.42 -18.53 -2.48
C PHE B 59 8.89 -18.19 -3.91
N TYR B 60 9.39 -16.97 -4.08
CA TYR B 60 9.86 -16.56 -5.39
C TYR B 60 11.04 -17.42 -5.86
N GLU B 61 11.98 -17.71 -4.97
CA GLU B 61 13.14 -18.54 -5.32
C GLU B 61 12.66 -19.93 -5.80
N GLU B 62 11.67 -20.48 -5.10
CA GLU B 62 11.10 -21.78 -5.47
C GLU B 62 10.43 -21.68 -6.83
N ARG B 63 9.66 -20.64 -7.07
CA ARG B 63 8.83 -20.53 -8.29
C ARG B 63 9.59 -20.01 -9.51
N LEU B 64 10.47 -19.01 -9.29
CA LEU B 64 11.04 -18.22 -10.40
C LEU B 64 12.52 -18.52 -10.64
N THR B 65 13.09 -19.47 -9.90
CA THR B 65 14.50 -19.82 -10.03
C THR B 65 14.66 -21.35 -9.93
N ASP C 4 -4.55 -11.32 23.29
CA ASP C 4 -3.76 -10.87 22.11
C ASP C 4 -3.53 -9.35 22.12
N LYS C 5 -2.40 -8.95 21.52
CA LYS C 5 -2.01 -7.55 21.41
C LYS C 5 -3.10 -6.75 20.72
N PRO C 6 -3.31 -5.49 21.18
CA PRO C 6 -4.29 -4.62 20.54
C PRO C 6 -3.87 -4.30 19.11
N ARG C 7 -4.84 -4.26 18.22
CA ARG C 7 -4.56 -3.95 16.84
C ARG C 7 -5.25 -2.62 16.53
N GLY C 8 -4.98 -2.15 15.33
CA GLY C 8 -5.61 -0.98 14.78
C GLY C 8 -5.09 0.27 15.45
N PHE C 9 -5.97 1.24 15.58
CA PHE C 9 -5.59 2.48 16.20
C PHE C 9 -5.16 2.36 17.65
N ALA C 10 -5.63 1.31 18.30
CA ALA C 10 -5.26 1.02 19.70
C ALA C 10 -3.80 0.62 19.90
N ARG C 11 -3.06 0.37 18.82
CA ARG C 11 -1.60 0.20 18.92
C ARG C 11 -0.92 1.49 19.35
N GLY C 12 -1.59 2.62 19.15
CA GLY C 12 -1.03 3.91 19.50
C GLY C 12 0.03 4.40 18.51
N LEU C 13 0.04 3.86 17.30
CA LEU C 13 1.01 4.27 16.27
C LEU C 13 0.32 5.29 15.35
N ASP C 14 1.09 6.13 14.66
CA ASP C 14 0.54 7.09 13.71
C ASP C 14 0.25 6.37 12.40
N PRO C 15 -0.92 6.63 11.79
CA PRO C 15 -1.20 6.04 10.49
C PRO C 15 -0.26 6.57 9.39
N GLU C 16 0.14 5.70 8.47
CA GLU C 16 1.02 6.10 7.39
C GLU C 16 0.31 6.10 6.04
N ARG C 17 -0.27 4.97 5.66
CA ARG C 17 -0.82 4.80 4.34
C ARG C 17 -1.75 3.61 4.34
N ILE C 18 -2.82 3.71 3.56
CA ILE C 18 -3.73 2.60 3.36
C ILE C 18 -3.21 1.72 2.25
N ILE C 19 -3.01 0.43 2.55
CA ILE C 19 -2.42 -0.51 1.56
C ILE C 19 -3.44 -1.48 0.92
N GLY C 20 -4.70 -1.37 1.33
CA GLY C 20 -5.77 -2.15 0.71
C GLY C 20 -7.09 -1.83 1.37
N ALA C 21 -8.18 -2.29 0.77
CA ALA C 21 -9.51 -2.02 1.27
C ALA C 21 -10.42 -3.22 0.99
N THR C 22 -11.42 -3.40 1.85
CA THR C 22 -12.36 -4.52 1.73
C THR C 22 -13.72 -4.05 2.27
N ASP C 23 -14.79 -4.72 1.86
CA ASP C 23 -16.15 -4.39 2.34
C ASP C 23 -16.50 -5.20 3.61
N GLY C 26 -20.96 -5.48 5.48
CA GLY C 26 -21.29 -4.26 4.76
C GLY C 26 -20.62 -2.98 5.27
N GLU C 27 -19.52 -3.10 6.04
CA GLU C 27 -18.71 -1.94 6.44
C GLU C 27 -17.43 -1.91 5.63
N LEU C 28 -17.10 -0.73 5.11
CA LEU C 28 -15.81 -0.53 4.46
C LEU C 28 -14.67 -0.56 5.46
N MET C 29 -13.62 -1.30 5.11
CA MET C 29 -12.47 -1.40 5.98
C MET C 29 -11.19 -1.20 5.19
N PHE C 30 -10.19 -0.61 5.85
CA PHE C 30 -8.91 -0.31 5.22
C PHE C 30 -7.86 -1.13 5.92
N LEU C 31 -6.90 -1.64 5.18
CA LEU C 31 -5.68 -2.17 5.80
C LEU C 31 -4.71 -1.00 5.91
N MET C 32 -4.53 -0.56 7.15
CA MET C 32 -3.75 0.60 7.46
C MET C 32 -2.33 0.24 7.91
N LYS C 33 -1.36 0.64 7.11
CA LYS C 33 0.04 0.60 7.52
C LYS C 33 0.38 1.73 8.52
N TRP C 34 1.07 1.36 9.61
CA TRP C 34 1.43 2.27 10.68
C TRP C 34 2.87 2.74 10.47
N LYS C 35 3.08 4.04 10.70
CA LYS C 35 4.39 4.68 10.52
C LYS C 35 5.46 4.04 11.41
N ASP C 36 6.71 4.04 10.93
CA ASP C 36 7.87 3.58 11.74
C ASP C 36 7.60 2.20 12.36
N SER C 37 7.14 1.28 11.52
CA SER C 37 6.79 -0.07 11.95
C SER C 37 6.53 -0.95 10.73
N ASP C 38 6.48 -2.24 10.99
CA ASP C 38 6.13 -3.25 10.02
C ASP C 38 4.75 -3.82 10.35
N GLU C 39 3.92 -2.99 11.00
CA GLU C 39 2.55 -3.39 11.35
C GLU C 39 1.56 -2.76 10.33
N ALA C 40 0.50 -3.52 10.05
CA ALA C 40 -0.66 -3.04 9.28
C ALA C 40 -1.88 -3.83 9.72
N ASP C 41 -2.97 -3.13 10.04
CA ASP C 41 -4.17 -3.77 10.54
C ASP C 41 -5.40 -3.20 9.87
N LEU C 42 -6.44 -4.03 9.85
CA LEU C 42 -7.72 -3.61 9.30
C LEU C 42 -8.34 -2.63 10.29
N VAL C 43 -8.84 -1.51 9.75
CA VAL C 43 -9.54 -0.49 10.54
C VAL C 43 -10.82 -0.12 9.81
N LEU C 44 -11.85 0.25 10.55
CA LEU C 44 -13.08 0.74 9.92
C LEU C 44 -12.73 2.02 9.12
N ALA C 45 -13.22 2.12 7.90
CA ALA C 45 -13.11 3.34 7.14
C ALA C 45 -13.59 4.52 7.97
N LYS C 46 -14.67 4.32 8.72
CA LYS C 46 -15.22 5.38 9.54
C LYS C 46 -14.22 5.86 10.58
N GLU C 47 -13.44 4.95 11.15
CA GLU C 47 -12.44 5.40 12.12
C GLU C 47 -11.30 6.18 11.41
N ALA C 48 -10.83 5.69 10.27
CA ALA C 48 -9.77 6.40 9.52
C ALA C 48 -10.28 7.70 8.99
N ASN C 49 -11.56 7.73 8.59
CA ASN C 49 -12.16 9.00 8.09
C ASN C 49 -12.02 10.08 9.16
N MET C 50 -12.29 9.71 10.40
CA MET C 50 -12.25 10.70 11.46
C MET C 50 -10.86 11.06 11.88
N LYS C 51 -9.98 10.06 11.94
CA LYS C 51 -8.68 10.24 12.56
C LYS C 51 -7.54 10.69 11.63
N CYS C 52 -7.63 10.28 10.36
CA CYS C 52 -6.61 10.64 9.33
C CYS C 52 -7.27 10.80 7.98
N PRO C 53 -8.17 11.80 7.87
CA PRO C 53 -8.90 11.99 6.61
C PRO C 53 -7.97 12.23 5.40
N GLN C 54 -6.82 12.89 5.59
CA GLN C 54 -5.97 13.13 4.44
C GLN C 54 -5.34 11.87 3.92
N ILE C 55 -5.07 10.92 4.81
CA ILE C 55 -4.57 9.59 4.40
C ILE C 55 -5.66 8.82 3.64
N VAL C 56 -6.92 8.92 4.08
CA VAL C 56 -8.03 8.34 3.32
C VAL C 56 -8.13 9.00 1.95
N ILE C 57 -8.04 10.33 1.92
CA ILE C 57 -8.25 11.03 0.66
C ILE C 57 -7.12 10.65 -0.31
N ALA C 58 -5.90 10.52 0.20
CA ALA C 58 -4.73 10.08 -0.61
C ALA C 58 -4.93 8.72 -1.24
N PHE C 59 -5.56 7.83 -0.49
CA PHE C 59 -5.94 6.50 -0.99
C PHE C 59 -6.94 6.60 -2.14
N TYR C 60 -7.99 7.38 -1.94
CA TYR C 60 -8.98 7.54 -2.99
C TYR C 60 -8.41 8.23 -4.23
N GLU C 61 -7.58 9.24 -4.03
CA GLU C 61 -6.98 9.93 -5.18
C GLU C 61 -6.07 8.96 -5.96
N GLU C 62 -5.29 8.15 -5.24
CA GLU C 62 -4.38 7.16 -5.88
C GLU C 62 -5.17 6.10 -6.63
N ARG C 63 -6.26 5.61 -6.04
CA ARG C 63 -7.04 4.49 -6.60
C ARG C 63 -8.13 4.93 -7.58
N LEU C 64 -8.67 6.12 -7.38
CA LEU C 64 -9.73 6.61 -8.25
C LEU C 64 -9.20 7.80 -9.06
N PRO D 6 -19.35 36.68 -6.02
CA PRO D 6 -18.49 35.68 -5.35
C PRO D 6 -18.81 34.27 -5.76
N ARG D 7 -17.78 33.46 -5.96
CA ARG D 7 -17.98 32.05 -6.35
C ARG D 7 -17.17 31.09 -5.51
N GLY D 8 -17.61 29.84 -5.47
CA GLY D 8 -16.91 28.78 -4.79
C GLY D 8 -16.80 29.07 -3.31
N PHE D 9 -15.66 28.73 -2.72
CA PHE D 9 -15.52 28.88 -1.27
C PHE D 9 -15.66 30.35 -0.84
N ALA D 10 -15.38 31.31 -1.74
CA ALA D 10 -15.48 32.74 -1.42
C ALA D 10 -16.92 33.17 -1.15
N ARG D 11 -17.89 32.33 -1.50
CA ARG D 11 -19.29 32.64 -1.17
C ARG D 11 -19.57 32.56 0.34
N GLY D 12 -18.70 31.88 1.07
CA GLY D 12 -18.86 31.77 2.50
C GLY D 12 -20.01 30.85 2.91
N LEU D 13 -20.44 29.97 2.00
CA LEU D 13 -21.55 29.03 2.27
C LEU D 13 -21.00 27.67 2.71
N ASP D 14 -21.78 26.95 3.51
CA ASP D 14 -21.41 25.61 3.94
C ASP D 14 -21.49 24.66 2.76
N PRO D 15 -20.44 23.83 2.56
CA PRO D 15 -20.57 22.79 1.53
C PRO D 15 -21.63 21.79 1.94
N GLU D 16 -22.49 21.40 0.99
CA GLU D 16 -23.53 20.38 1.23
C GLU D 16 -23.08 19.02 0.72
N ARG D 17 -22.77 18.95 -0.57
CA ARG D 17 -22.35 17.68 -1.19
C ARG D 17 -21.67 17.91 -2.56
N ILE D 18 -20.75 17.03 -2.90
CA ILE D 18 -20.09 17.01 -4.19
C ILE D 18 -21.00 16.28 -5.19
N ILE D 19 -21.41 17.00 -6.22
CA ILE D 19 -22.28 16.45 -7.27
C ILE D 19 -21.46 15.51 -8.20
N GLY D 20 -20.19 15.84 -8.45
CA GLY D 20 -19.37 15.04 -9.33
C GLY D 20 -17.99 15.62 -9.36
N ALA D 21 -17.11 14.95 -10.09
CA ALA D 21 -15.69 15.31 -10.16
C ALA D 21 -15.18 15.18 -11.61
N THR D 22 -14.20 16.00 -11.95
CA THR D 22 -13.57 15.88 -13.23
C THR D 22 -12.19 16.49 -13.24
N ASP D 23 -11.29 15.87 -14.00
CA ASP D 23 -10.05 16.52 -14.37
C ASP D 23 -9.93 16.88 -15.85
N SER D 24 -11.09 17.07 -16.51
CA SER D 24 -11.07 17.35 -17.95
C SER D 24 -10.46 18.74 -18.26
N SER D 25 -10.42 19.62 -17.26
CA SER D 25 -9.80 20.94 -17.33
C SER D 25 -8.28 20.91 -17.20
N GLY D 26 -7.71 19.77 -16.83
CA GLY D 26 -6.27 19.64 -16.57
C GLY D 26 -5.90 19.56 -15.10
N GLU D 27 -6.86 19.81 -14.20
CA GLU D 27 -6.69 19.62 -12.77
C GLU D 27 -7.98 19.09 -12.16
N LEU D 28 -7.86 18.36 -11.06
CA LEU D 28 -9.03 17.70 -10.45
C LEU D 28 -9.87 18.73 -9.74
N MET D 29 -11.15 18.78 -10.14
CA MET D 29 -12.13 19.73 -9.62
C MET D 29 -13.37 18.96 -9.20
N PHE D 30 -14.04 19.49 -8.19
CA PHE D 30 -15.34 19.03 -7.78
C PHE D 30 -16.41 20.05 -8.16
N LEU D 31 -17.55 19.54 -8.57
CA LEU D 31 -18.74 20.33 -8.72
C LEU D 31 -19.44 20.28 -7.37
N MET D 32 -19.46 21.42 -6.66
CA MET D 32 -19.92 21.48 -5.28
C MET D 32 -21.30 22.10 -5.18
N LYS D 33 -22.19 21.39 -4.51
CA LYS D 33 -23.49 21.94 -4.07
C LYS D 33 -23.27 22.56 -2.68
N TRP D 34 -23.65 23.83 -2.54
CA TRP D 34 -23.64 24.52 -1.23
C TRP D 34 -25.02 24.44 -0.55
N LYS D 35 -25.02 24.47 0.77
CA LYS D 35 -26.27 24.46 1.54
C LYS D 35 -27.04 25.74 1.20
N ASP D 36 -28.34 25.58 0.98
CA ASP D 36 -29.26 26.68 0.75
C ASP D 36 -29.03 27.40 -0.57
N SER D 37 -28.45 26.73 -1.56
CA SER D 37 -28.27 27.35 -2.88
C SER D 37 -28.29 26.26 -3.94
N ASP D 38 -28.98 26.50 -5.05
CA ASP D 38 -29.00 25.52 -6.15
C ASP D 38 -27.97 25.85 -7.22
N GLU D 39 -27.16 26.88 -6.98
CA GLU D 39 -26.12 27.29 -7.89
C GLU D 39 -24.84 26.57 -7.45
N ALA D 40 -24.45 25.56 -8.23
CA ALA D 40 -23.25 24.75 -7.96
C ALA D 40 -22.04 25.39 -8.64
N ASP D 41 -20.88 25.21 -8.00
CA ASP D 41 -19.63 25.80 -8.41
C ASP D 41 -18.58 24.73 -8.54
N LEU D 42 -17.63 24.94 -9.44
CA LEU D 42 -16.42 24.13 -9.51
C LEU D 42 -15.41 24.63 -8.50
N VAL D 43 -14.89 23.73 -7.68
CA VAL D 43 -13.84 24.09 -6.72
C VAL D 43 -12.67 23.14 -6.92
N LEU D 44 -11.46 23.61 -6.62
CA LEU D 44 -10.31 22.76 -6.74
C LEU D 44 -10.40 21.61 -5.71
N ALA D 45 -10.11 20.39 -6.12
CA ALA D 45 -10.19 19.26 -5.22
C ALA D 45 -9.25 19.39 -4.02
N LYS D 46 -8.04 19.86 -4.26
CA LYS D 46 -7.13 20.09 -3.18
C LYS D 46 -7.63 21.05 -2.12
N GLU D 47 -8.35 22.09 -2.55
CA GLU D 47 -9.01 23.01 -1.60
C GLU D 47 -10.11 22.36 -0.79
N ALA D 48 -10.96 21.59 -1.45
CA ALA D 48 -12.02 20.83 -0.78
C ALA D 48 -11.41 19.81 0.21
N ASN D 49 -10.33 19.15 -0.19
CA ASN D 49 -9.67 18.17 0.69
C ASN D 49 -9.34 18.80 2.05
N MET D 50 -8.90 20.07 2.06
CA MET D 50 -8.46 20.77 3.25
C MET D 50 -9.66 21.33 3.99
N LYS D 51 -10.62 21.86 3.23
CA LYS D 51 -11.71 22.65 3.81
C LYS D 51 -12.89 21.80 4.27
N CYS D 52 -13.19 20.71 3.56
CA CYS D 52 -14.37 19.87 3.86
C CYS D 52 -14.02 18.39 3.59
N PRO D 53 -12.99 17.87 4.31
CA PRO D 53 -12.51 16.54 4.02
C PRO D 53 -13.63 15.48 4.11
N GLN D 54 -14.61 15.66 5.01
CA GLN D 54 -15.60 14.60 5.16
C GLN D 54 -16.58 14.59 4.00
N ILE D 55 -16.82 15.76 3.42
CA ILE D 55 -17.64 15.91 2.22
C ILE D 55 -16.96 15.23 1.03
N VAL D 56 -15.63 15.40 0.91
CA VAL D 56 -14.82 14.73 -0.11
C VAL D 56 -14.90 13.21 0.08
N ILE D 57 -14.73 12.76 1.33
CA ILE D 57 -14.75 11.34 1.62
C ILE D 57 -16.12 10.71 1.32
N ALA D 58 -17.20 11.37 1.67
CA ALA D 58 -18.57 10.92 1.37
C ALA D 58 -18.77 10.74 -0.13
N PHE D 59 -18.24 11.70 -0.92
CA PHE D 59 -18.28 11.58 -2.38
C PHE D 59 -17.56 10.31 -2.88
N TYR D 60 -16.34 10.07 -2.41
CA TYR D 60 -15.57 8.91 -2.84
C TYR D 60 -16.21 7.60 -2.34
N GLU D 61 -16.69 7.58 -1.10
CA GLU D 61 -17.44 6.39 -0.61
C GLU D 61 -18.67 6.07 -1.46
N GLU D 62 -19.51 7.07 -1.74
CA GLU D 62 -20.68 6.89 -2.59
C GLU D 62 -20.25 6.35 -3.95
N ARG D 63 -19.10 6.81 -4.41
CA ARG D 63 -18.69 6.60 -5.77
C ARG D 63 -17.83 5.36 -5.95
N LEU D 64 -16.55 5.48 -5.60
CA LEU D 64 -15.58 4.39 -5.74
C LEU D 64 -15.83 3.32 -4.68
N THR D 65 -17.07 3.24 -4.19
CA THR D 65 -17.45 2.39 -3.07
C THR D 65 -16.23 1.97 -2.22
#